data_9KGS
#
_entry.id   9KGS
#
_cell.length_a   55.612
_cell.length_b   99.076
_cell.length_c   59.399
_cell.angle_alpha   90.000
_cell.angle_beta   108.480
_cell.angle_gamma   90.000
#
_symmetry.space_group_name_H-M   'P 1 21 1'
#
loop_
_entity.id
_entity.type
_entity.pdbx_description
1 polymer '3C-like proteinase nsp5'
2 polymer (S)-2-((R)-2-cyclopentyl-N-methyl-2-pivalamidoacetamido)-N-((S)-1-imino-3-((S)-2-oxopiperidin-3-yl)propan-2-yl)pentanamide
3 non-polymer 'cyclopropylcarbamic acid'
4 water water
#
loop_
_entity_poly.entity_id
_entity_poly.type
_entity_poly.pdbx_seq_one_letter_code
_entity_poly.pdbx_strand_id
1 'polypeptide(L)'
;GPLGSSGFRKMAFPSGKVEGCMVQVTCGTTTLNGLWLDDVVYCPRHVICTSEDMLNPNYEDLLIRKSNHNFLVQAGNVQL
RVIGHSMQNCVLKLKVDTANPKTPKYKFVRIQPGQTFSVLACYNGSPSGVYQCAMRPNFTIKGSFLNGSCGSVGFNIDYD
CVSFCYMHHMELPTGVHAGTDLEGNFYGPFVDRQTAQAAGTDTTITVNVLAWLYAAVINGDRWFLNRFTTTLNDFNLVAM
KYNYEPLTQDHVDILGPLSAQTGIAVLDMCASLKELLQNGMNGRTILGSALLEDEFTPFDVVRQCSGVTFQ
;
B,A
2 'polypeptide(L)' (PIV)(A1EAK)(A1L7N)(A1L7K) C,D
#
loop_
_chem_comp.id
_chem_comp.type
_chem_comp.name
_chem_comp.formula
A1L7M non-polymer 'cyclopropylcarbamic acid' 'C4 H7 N O2'
#
# COMPACT_ATOMS: atom_id res chain seq x y z
N PHE A 8 11.85 4.87 3.38
CA PHE A 8 11.15 4.34 2.21
C PHE A 8 9.95 3.50 2.62
N ARG A 9 8.88 3.58 1.82
CA ARG A 9 7.66 2.81 2.08
C ARG A 9 7.06 2.36 0.76
N LYS A 10 6.54 1.14 0.73
CA LYS A 10 5.70 0.71 -0.38
C LYS A 10 4.41 1.52 -0.36
N MET A 11 4.11 2.17 -1.49
CA MET A 11 2.99 3.11 -1.58
C MET A 11 2.13 2.76 -2.78
N ALA A 12 0.84 2.55 -2.54
CA ALA A 12 -0.11 2.32 -3.61
C ALA A 12 -0.63 3.65 -4.16
N PHE A 13 -1.14 3.60 -5.38
CA PHE A 13 -1.87 4.74 -5.90
C PHE A 13 -3.25 4.82 -5.23
N PRO A 14 -3.82 6.01 -5.13
CA PRO A 14 -5.21 6.10 -4.66
C PRO A 14 -6.13 5.31 -5.59
N SER A 15 -7.03 4.53 -4.98
CA SER A 15 -7.77 3.51 -5.70
C SER A 15 -9.16 3.95 -6.14
N GLY A 16 -9.53 5.21 -5.90
CA GLY A 16 -10.91 5.64 -6.16
C GLY A 16 -11.32 5.50 -7.60
N LYS A 17 -10.44 5.87 -8.54
CA LYS A 17 -10.79 5.79 -9.96
C LYS A 17 -11.03 4.36 -10.39
N VAL A 18 -10.33 3.40 -9.78
CA VAL A 18 -10.55 2.00 -10.13
C VAL A 18 -11.76 1.45 -9.36
N GLU A 19 -11.98 1.93 -8.13
CA GLU A 19 -13.12 1.47 -7.34
C GLU A 19 -14.44 1.66 -8.10
N GLY A 20 -14.61 2.82 -8.73
CA GLY A 20 -15.83 3.09 -9.48
C GLY A 20 -16.03 2.26 -10.72
N CYS A 21 -15.09 1.37 -11.04
CA CYS A 21 -15.19 0.51 -12.21
C CYS A 21 -15.36 -0.96 -11.86
N MET A 22 -15.33 -1.31 -10.57
CA MET A 22 -15.42 -2.71 -10.16
C MET A 22 -16.87 -3.15 -10.11
N VAL A 23 -17.18 -4.22 -10.85
CA VAL A 23 -18.48 -4.85 -10.82
C VAL A 23 -18.26 -6.34 -10.54
N GLN A 24 -19.36 -7.08 -10.44
CA GLN A 24 -19.28 -8.53 -10.32
C GLN A 24 -19.96 -9.18 -11.52
N VAL A 25 -19.41 -10.32 -11.93
CA VAL A 25 -19.89 -11.08 -13.08
C VAL A 25 -20.13 -12.51 -12.63
N THR A 26 -21.32 -13.02 -12.91
CA THR A 26 -21.72 -14.37 -12.49
C THR A 26 -22.24 -15.16 -13.68
N CYS A 27 -21.77 -16.40 -13.79
CA CYS A 27 -22.42 -17.44 -14.58
C CYS A 27 -22.61 -18.65 -13.68
N GLY A 28 -23.80 -19.20 -13.68
CA GLY A 28 -24.07 -20.35 -12.82
C GLY A 28 -23.94 -19.94 -11.37
N THR A 29 -22.98 -20.56 -10.68
CA THR A 29 -22.65 -20.21 -9.30
C THR A 29 -21.29 -19.54 -9.19
N THR A 30 -20.59 -19.33 -10.31
CA THR A 30 -19.26 -18.75 -10.30
C THR A 30 -19.37 -17.23 -10.40
N THR A 31 -18.94 -16.54 -9.35
CA THR A 31 -18.94 -15.09 -9.32
C THR A 31 -17.51 -14.60 -9.16
N LEU A 32 -17.06 -13.76 -10.10
CA LEU A 32 -15.77 -13.10 -9.98
C LEU A 32 -15.95 -11.60 -10.28
N ASN A 33 -14.85 -10.87 -10.26
CA ASN A 33 -14.87 -9.44 -10.45
C ASN A 33 -14.70 -9.08 -11.93
N GLY A 34 -15.33 -7.97 -12.32
CA GLY A 34 -15.19 -7.46 -13.67
C GLY A 34 -14.86 -5.98 -13.65
N LEU A 35 -14.29 -5.51 -14.76
CA LEU A 35 -13.86 -4.13 -14.90
C LEU A 35 -14.76 -3.42 -15.90
N TRP A 36 -15.49 -2.42 -15.43
CA TRP A 36 -16.55 -1.76 -16.20
C TRP A 36 -16.01 -0.42 -16.71
N LEU A 37 -15.68 -0.38 -17.99
CA LEU A 37 -15.17 0.83 -18.64
C LEU A 37 -16.02 1.13 -19.86
N ASP A 38 -16.56 2.35 -19.92
CA ASP A 38 -17.54 2.73 -20.94
C ASP A 38 -18.67 1.71 -20.87
N ASP A 39 -19.03 1.05 -21.98
CA ASP A 39 -20.11 0.07 -21.98
C ASP A 39 -19.60 -1.36 -22.18
N VAL A 40 -18.39 -1.65 -21.69
CA VAL A 40 -17.81 -2.99 -21.76
C VAL A 40 -17.34 -3.39 -20.37
N VAL A 41 -17.63 -4.64 -19.99
CA VAL A 41 -17.14 -5.23 -18.75
C VAL A 41 -16.12 -6.30 -19.12
N TYR A 42 -14.93 -6.23 -18.52
CA TYR A 42 -13.84 -7.17 -18.75
C TYR A 42 -13.68 -8.05 -17.52
N CYS A 43 -13.54 -9.36 -17.74
CA CYS A 43 -13.39 -10.31 -16.65
C CYS A 43 -12.65 -11.53 -17.17
N PRO A 44 -12.12 -12.38 -16.28
CA PRO A 44 -11.50 -13.63 -16.74
C PRO A 44 -12.52 -14.54 -17.41
N ARG A 45 -12.10 -15.19 -18.49
CA ARG A 45 -13.02 -16.03 -19.25
C ARG A 45 -13.41 -17.31 -18.52
N HIS A 46 -12.63 -17.72 -17.50
CA HIS A 46 -13.03 -18.96 -16.82
C HIS A 46 -14.26 -18.80 -15.93
N VAL A 47 -14.93 -17.64 -15.98
CA VAL A 47 -16.22 -17.50 -15.32
C VAL A 47 -17.28 -18.37 -16.00
N ILE A 48 -17.08 -18.71 -17.27
CA ILE A 48 -18.03 -19.55 -18.00
C ILE A 48 -17.82 -21.03 -17.76
N CYS A 49 -16.84 -21.40 -16.97
CA CYS A 49 -16.47 -22.80 -16.78
C CYS A 49 -17.13 -23.38 -15.55
N THR A 50 -17.62 -24.61 -15.69
CA THR A 50 -17.86 -25.44 -14.52
C THR A 50 -16.54 -26.02 -14.03
N SER A 51 -16.57 -26.63 -12.84
CA SER A 51 -15.35 -27.22 -12.29
C SER A 51 -14.89 -28.40 -13.13
N GLU A 52 -15.81 -29.12 -13.76
CA GLU A 52 -15.45 -30.36 -14.45
C GLU A 52 -14.66 -30.08 -15.71
N ASP A 53 -15.06 -29.09 -16.50
CA ASP A 53 -14.31 -28.74 -17.70
C ASP A 53 -13.23 -27.71 -17.42
N MET A 54 -13.05 -27.31 -16.15
CA MET A 54 -11.86 -26.55 -15.78
C MET A 54 -10.61 -27.39 -15.97
N LEU A 55 -10.76 -28.71 -15.92
CA LEU A 55 -9.61 -29.62 -16.06
C LEU A 55 -9.02 -29.54 -17.47
N ASN A 56 -9.86 -29.35 -18.47
CA ASN A 56 -9.41 -29.24 -19.87
C ASN A 56 -10.42 -28.41 -20.65
N PRO A 57 -10.45 -27.10 -20.41
CA PRO A 57 -11.52 -26.26 -20.99
C PRO A 57 -11.40 -26.15 -22.49
N ASN A 58 -12.52 -26.34 -23.18
CA ASN A 58 -12.68 -25.91 -24.56
C ASN A 58 -13.46 -24.60 -24.51
N TYR A 59 -12.72 -23.51 -24.30
CA TYR A 59 -13.35 -22.21 -24.09
C TYR A 59 -14.17 -21.80 -25.29
N GLU A 60 -13.69 -22.10 -26.51
CA GLU A 60 -14.45 -21.78 -27.71
C GLU A 60 -15.78 -22.50 -27.73
N ASP A 61 -15.79 -23.79 -27.38
CA ASP A 61 -17.05 -24.55 -27.37
C ASP A 61 -17.94 -24.13 -26.22
N LEU A 62 -17.36 -23.85 -25.05
CA LEU A 62 -18.16 -23.38 -23.92
C LEU A 62 -18.80 -22.03 -24.21
N LEU A 63 -18.14 -21.18 -24.99
CA LEU A 63 -18.64 -19.84 -25.23
C LEU A 63 -19.80 -19.83 -26.23
N ILE A 64 -19.74 -20.70 -27.25
CA ILE A 64 -20.83 -20.72 -28.23
C ILE A 64 -22.12 -21.20 -27.58
N ARG A 65 -22.02 -22.02 -26.53
CA ARG A 65 -23.20 -22.48 -25.82
C ARG A 65 -23.74 -21.43 -24.84
N LYS A 66 -23.02 -20.33 -24.64
CA LYS A 66 -23.46 -19.26 -23.76
C LYS A 66 -24.11 -18.15 -24.57
N SER A 67 -25.17 -17.57 -24.00
CA SER A 67 -25.87 -16.44 -24.61
C SER A 67 -25.73 -15.22 -23.73
N ASN A 68 -26.12 -14.07 -24.28
CA ASN A 68 -26.08 -12.82 -23.51
C ASN A 68 -26.88 -12.94 -22.21
N HIS A 69 -27.98 -13.69 -22.24
CA HIS A 69 -28.84 -13.84 -21.07
C HIS A 69 -28.27 -14.77 -20.02
N ASN A 70 -27.13 -15.41 -20.28
CA ASN A 70 -26.49 -16.28 -19.31
C ASN A 70 -25.55 -15.53 -18.36
N PHE A 71 -25.34 -14.23 -18.56
CA PHE A 71 -24.35 -13.47 -17.82
C PHE A 71 -25.03 -12.48 -16.90
N LEU A 72 -24.76 -12.60 -15.59
CA LEU A 72 -25.30 -11.70 -14.58
C LEU A 72 -24.20 -10.70 -14.20
N VAL A 73 -24.33 -9.47 -14.67
CA VAL A 73 -23.40 -8.39 -14.36
C VAL A 73 -24.09 -7.44 -13.38
N GLN A 74 -23.42 -7.13 -12.27
CA GLN A 74 -24.03 -6.33 -11.22
C GLN A 74 -23.04 -5.28 -10.72
N ALA A 75 -23.48 -4.01 -10.76
CA ALA A 75 -22.81 -2.94 -10.05
C ALA A 75 -23.51 -2.79 -8.69
N GLY A 76 -22.81 -3.17 -7.63
CA GLY A 76 -23.52 -3.37 -6.38
C GLY A 76 -24.48 -4.54 -6.55
N ASN A 77 -25.76 -4.30 -6.28
CA ASN A 77 -26.81 -5.27 -6.58
C ASN A 77 -27.62 -4.88 -7.80
N VAL A 78 -27.21 -3.85 -8.52
CA VAL A 78 -27.93 -3.36 -9.69
C VAL A 78 -27.45 -4.14 -10.92
N GLN A 79 -28.36 -4.84 -11.58
CA GLN A 79 -28.01 -5.60 -12.77
C GLN A 79 -27.80 -4.67 -13.96
N LEU A 80 -26.73 -4.92 -14.70
CA LEU A 80 -26.49 -4.27 -15.99
C LEU A 80 -26.75 -5.29 -17.08
N ARG A 81 -27.65 -4.97 -18.00
CA ARG A 81 -28.05 -5.92 -19.02
C ARG A 81 -26.95 -6.10 -20.05
N VAL A 82 -26.62 -7.36 -20.33
CA VAL A 82 -25.59 -7.70 -21.31
C VAL A 82 -26.22 -7.75 -22.70
N ILE A 83 -25.63 -7.03 -23.64
CA ILE A 83 -26.11 -6.96 -25.01
C ILE A 83 -25.11 -7.52 -26.02
N GLY A 84 -23.96 -8.02 -25.55
CA GLY A 84 -22.97 -8.61 -26.42
C GLY A 84 -21.86 -9.26 -25.63
N HIS A 85 -21.28 -10.32 -26.19
CA HIS A 85 -20.19 -11.03 -25.53
C HIS A 85 -19.19 -11.50 -26.58
N SER A 86 -17.91 -11.37 -26.23
CA SER A 86 -16.83 -11.89 -27.08
C SER A 86 -15.68 -12.28 -26.17
N MET A 87 -14.75 -13.04 -26.75
CA MET A 87 -13.60 -13.53 -26.01
C MET A 87 -12.33 -13.10 -26.73
N GLN A 88 -11.44 -12.43 -25.99
CA GLN A 88 -10.15 -11.99 -26.51
C GLN A 88 -9.07 -12.60 -25.62
N ASN A 89 -8.39 -13.62 -26.14
CA ASN A 89 -7.38 -14.38 -25.42
C ASN A 89 -8.06 -14.96 -24.18
N CYS A 90 -7.57 -14.73 -22.97
CA CYS A 90 -8.15 -15.31 -21.76
C CYS A 90 -9.12 -14.36 -21.06
N VAL A 91 -9.57 -13.31 -21.73
CA VAL A 91 -10.44 -12.31 -21.15
C VAL A 91 -11.78 -12.32 -21.87
N LEU A 92 -12.86 -12.29 -21.09
CA LEU A 92 -14.21 -12.17 -21.62
C LEU A 92 -14.60 -10.70 -21.63
N LYS A 93 -15.18 -10.24 -22.74
CA LYS A 93 -15.64 -8.86 -22.90
C LYS A 93 -17.16 -8.87 -23.02
N LEU A 94 -17.84 -8.25 -22.05
CA LEU A 94 -19.29 -8.22 -21.99
C LEU A 94 -19.77 -6.81 -22.27
N LYS A 95 -20.42 -6.61 -23.41
CA LYS A 95 -21.00 -5.32 -23.73
C LYS A 95 -22.30 -5.14 -22.95
N VAL A 96 -22.41 -4.01 -22.24
CA VAL A 96 -23.58 -3.73 -21.43
C VAL A 96 -24.30 -2.51 -22.00
N ASP A 97 -25.56 -2.35 -21.62
CA ASP A 97 -26.38 -1.29 -22.17
C ASP A 97 -26.18 0.05 -21.47
N THR A 98 -25.27 0.14 -20.51
CA THR A 98 -25.03 1.37 -19.77
C THR A 98 -23.53 1.68 -19.80
N ALA A 99 -23.19 2.89 -20.24
CA ALA A 99 -21.81 3.35 -20.16
C ALA A 99 -21.51 3.81 -18.74
N ASN A 100 -20.40 3.34 -18.19
CA ASN A 100 -20.05 3.66 -16.80
C ASN A 100 -19.80 5.15 -16.66
N PRO A 101 -20.62 5.88 -15.89
CA PRO A 101 -20.37 7.32 -15.71
C PRO A 101 -19.13 7.61 -14.89
N LYS A 102 -18.52 6.61 -14.25
CA LYS A 102 -17.30 6.78 -13.49
C LYS A 102 -16.06 6.36 -14.27
N THR A 103 -16.20 6.09 -15.57
CA THR A 103 -15.06 5.70 -16.40
C THR A 103 -14.00 6.80 -16.37
N PRO A 104 -12.79 6.51 -15.92
CA PRO A 104 -11.72 7.51 -16.00
C PRO A 104 -11.03 7.44 -17.35
N LYS A 105 -10.20 8.46 -17.61
CA LYS A 105 -9.23 8.33 -18.69
C LYS A 105 -8.37 7.11 -18.41
N TYR A 106 -8.21 6.25 -19.41
CA TYR A 106 -7.53 4.98 -19.16
C TYR A 106 -6.81 4.49 -20.41
N LYS A 107 -5.86 3.59 -20.18
CA LYS A 107 -5.19 2.82 -21.21
C LYS A 107 -4.98 1.40 -20.72
N PHE A 108 -4.88 0.46 -21.66
CA PHE A 108 -4.42 -0.90 -21.39
C PHE A 108 -2.96 -1.00 -21.83
N VAL A 109 -2.07 -1.34 -20.89
CA VAL A 109 -0.65 -1.48 -21.21
C VAL A 109 -0.15 -2.82 -20.69
N ARG A 110 0.88 -3.34 -21.35
CA ARG A 110 1.55 -4.57 -20.94
C ARG A 110 2.88 -4.20 -20.32
N ILE A 111 3.03 -4.47 -19.02
CA ILE A 111 4.24 -4.08 -18.32
C ILE A 111 5.33 -5.14 -18.52
N GLN A 112 6.56 -4.73 -18.27
CA GLN A 112 7.79 -5.51 -18.24
C GLN A 112 8.03 -6.07 -16.85
N PRO A 113 8.76 -7.18 -16.72
CA PRO A 113 9.14 -7.65 -15.38
C PRO A 113 9.96 -6.59 -14.67
N GLY A 114 9.77 -6.52 -13.34
CA GLY A 114 10.39 -5.51 -12.52
C GLY A 114 9.52 -4.28 -12.29
N GLN A 115 8.63 -3.97 -13.22
CA GLN A 115 7.72 -2.85 -13.04
C GLN A 115 6.77 -3.12 -11.89
N THR A 116 6.36 -2.04 -11.22
CA THR A 116 5.42 -2.12 -10.11
C THR A 116 4.06 -1.55 -10.50
N PHE A 117 3.05 -1.94 -9.74
CA PHE A 117 1.69 -1.49 -9.94
C PHE A 117 0.90 -1.73 -8.67
N SER A 118 -0.21 -1.00 -8.54
CA SER A 118 -1.11 -1.17 -7.41
C SER A 118 -2.19 -2.18 -7.77
N VAL A 119 -2.51 -3.05 -6.81
CA VAL A 119 -3.57 -4.04 -6.96
C VAL A 119 -4.71 -3.65 -6.03
N LEU A 120 -5.92 -3.63 -6.56
CA LEU A 120 -7.13 -3.41 -5.77
C LEU A 120 -7.82 -4.75 -5.61
N ALA A 121 -7.54 -5.44 -4.51
CA ALA A 121 -8.16 -6.73 -4.25
C ALA A 121 -9.65 -6.54 -4.01
N CYS A 122 -10.46 -7.26 -4.79
CA CYS A 122 -11.91 -7.17 -4.74
C CYS A 122 -12.52 -8.54 -4.57
N TYR A 123 -13.72 -8.57 -4.00
CA TYR A 123 -14.47 -9.80 -3.78
C TYR A 123 -15.93 -9.50 -4.00
N ASN A 124 -16.54 -10.17 -4.99
CA ASN A 124 -17.94 -9.96 -5.35
C ASN A 124 -18.20 -8.50 -5.73
N GLY A 125 -17.22 -7.87 -6.38
CA GLY A 125 -17.37 -6.53 -6.87
C GLY A 125 -17.09 -5.44 -5.86
N SER A 126 -16.81 -5.79 -4.61
CA SER A 126 -16.56 -4.79 -3.58
C SER A 126 -15.08 -4.67 -3.31
N PRO A 127 -14.49 -3.49 -3.50
CA PRO A 127 -13.08 -3.30 -3.13
C PRO A 127 -12.83 -3.66 -1.67
N SER A 128 -11.71 -4.34 -1.44
CA SER A 128 -11.33 -4.82 -0.12
C SER A 128 -10.03 -4.23 0.39
N GLY A 129 -9.03 -4.10 -0.48
CA GLY A 129 -7.76 -3.53 -0.07
C GLY A 129 -6.94 -3.16 -1.30
N VAL A 130 -5.94 -2.31 -1.06
CA VAL A 130 -5.05 -1.84 -2.11
C VAL A 130 -3.62 -1.95 -1.61
N TYR A 131 -2.74 -2.48 -2.47
CA TYR A 131 -1.34 -2.65 -2.11
C TYR A 131 -0.51 -2.67 -3.39
N GLN A 132 0.80 -2.49 -3.23
CA GLN A 132 1.72 -2.37 -4.35
C GLN A 132 2.38 -3.71 -4.64
N CYS A 133 2.41 -4.10 -5.91
CA CYS A 133 3.01 -5.34 -6.36
C CYS A 133 4.16 -5.05 -7.32
N ALA A 134 5.08 -6.00 -7.40
CA ALA A 134 6.14 -5.97 -8.40
C ALA A 134 6.03 -7.23 -9.26
N MET A 135 6.11 -7.05 -10.57
CA MET A 135 6.10 -8.19 -11.48
C MET A 135 7.48 -8.83 -11.45
N ARG A 136 7.55 -10.07 -10.93
CA ARG A 136 8.81 -10.76 -10.81
C ARG A 136 9.36 -11.13 -12.18
N PRO A 137 10.67 -11.40 -12.28
CA PRO A 137 11.23 -11.87 -13.55
C PRO A 137 10.62 -13.18 -14.03
N ASN A 138 10.11 -14.03 -13.12
CA ASN A 138 9.41 -15.24 -13.52
C ASN A 138 7.93 -15.02 -13.77
N PHE A 139 7.50 -13.76 -13.90
CA PHE A 139 6.15 -13.38 -14.32
C PHE A 139 5.08 -13.77 -13.31
N THR A 140 5.44 -13.82 -12.03
CA THR A 140 4.49 -13.98 -10.95
C THR A 140 4.54 -12.74 -10.06
N ILE A 141 3.53 -12.59 -9.21
CA ILE A 141 3.48 -11.50 -8.24
C ILE A 141 3.24 -12.08 -6.86
N LYS A 142 3.98 -11.57 -5.87
CA LYS A 142 3.78 -11.95 -4.48
C LYS A 142 2.75 -11.00 -3.90
N GLY A 143 1.49 -11.42 -3.89
CA GLY A 143 0.44 -10.58 -3.40
C GLY A 143 -0.47 -11.30 -2.43
N SER A 144 -1.63 -10.71 -2.15
CA SER A 144 -2.65 -11.34 -1.31
C SER A 144 -3.92 -11.45 -2.14
N PHE A 145 -4.24 -12.65 -2.58
CA PHE A 145 -5.38 -12.92 -3.44
C PHE A 145 -6.10 -14.15 -2.87
N LEU A 146 -7.20 -13.92 -2.17
CA LEU A 146 -7.99 -15.03 -1.67
C LEU A 146 -9.00 -15.49 -2.74
N ASN A 147 -9.64 -16.62 -2.47
CA ASN A 147 -10.65 -17.12 -3.39
C ASN A 147 -11.76 -16.07 -3.54
N GLY A 148 -12.13 -15.80 -4.79
CA GLY A 148 -13.04 -14.72 -5.11
C GLY A 148 -12.36 -13.48 -5.67
N SER A 149 -11.03 -13.42 -5.63
CA SER A 149 -10.30 -12.24 -6.09
C SER A 149 -10.08 -12.21 -7.59
N CYS A 150 -10.40 -13.29 -8.30
CA CYS A 150 -10.22 -13.31 -9.74
C CYS A 150 -10.98 -12.18 -10.40
N GLY A 151 -10.32 -11.49 -11.33
CA GLY A 151 -10.87 -10.31 -11.94
C GLY A 151 -10.39 -9.00 -11.36
N SER A 152 -9.80 -9.03 -10.16
CA SER A 152 -9.15 -7.85 -9.61
C SER A 152 -8.04 -7.40 -10.55
N VAL A 153 -7.83 -6.09 -10.61
CA VAL A 153 -6.92 -5.51 -11.60
C VAL A 153 -5.76 -4.82 -10.91
N GLY A 154 -4.65 -4.71 -11.65
CA GLY A 154 -3.52 -3.91 -11.24
C GLY A 154 -3.35 -2.74 -12.18
N PHE A 155 -2.81 -1.64 -11.66
CA PHE A 155 -2.84 -0.41 -12.42
C PHE A 155 -1.78 0.57 -11.93
N ASN A 156 -1.46 1.51 -12.81
CA ASN A 156 -0.70 2.71 -12.48
C ASN A 156 -1.51 3.92 -12.89
N ILE A 157 -1.26 5.05 -12.24
CA ILE A 157 -1.91 6.32 -12.57
C ILE A 157 -0.84 7.36 -12.84
N ASP A 158 -0.95 8.03 -13.99
CA ASP A 158 -0.07 9.13 -14.34
C ASP A 158 -0.94 10.28 -14.84
N TYR A 159 -1.03 11.34 -14.04
CA TYR A 159 -1.81 12.54 -14.38
C TYR A 159 -3.25 12.18 -14.74
N ASP A 160 -3.92 11.53 -13.78
CA ASP A 160 -5.33 11.16 -13.83
C ASP A 160 -5.65 10.15 -14.92
N CYS A 161 -4.65 9.59 -15.60
CA CYS A 161 -4.87 8.51 -16.57
C CYS A 161 -4.52 7.19 -15.90
N VAL A 162 -5.48 6.27 -15.89
CA VAL A 162 -5.30 4.96 -15.26
C VAL A 162 -4.81 3.99 -16.33
N SER A 163 -3.57 3.54 -16.20
CA SER A 163 -3.02 2.50 -17.07
C SER A 163 -3.28 1.15 -16.42
N PHE A 164 -4.26 0.41 -16.93
CA PHE A 164 -4.54 -0.93 -16.45
C PHE A 164 -3.53 -1.90 -17.06
N CYS A 165 -2.86 -2.68 -16.19
CA CYS A 165 -1.80 -3.57 -16.65
C CYS A 165 -1.94 -5.02 -16.20
N TYR A 166 -2.90 -5.34 -15.32
CA TYR A 166 -2.97 -6.69 -14.78
C TYR A 166 -4.41 -7.04 -14.46
N MET A 167 -4.77 -8.30 -14.69
CA MET A 167 -6.03 -8.87 -14.20
C MET A 167 -5.72 -10.24 -13.61
N HIS A 168 -6.27 -10.50 -12.43
CA HIS A 168 -5.91 -11.68 -11.65
C HIS A 168 -6.69 -12.91 -12.11
N HIS A 169 -5.99 -14.04 -12.21
CA HIS A 169 -6.61 -15.29 -12.65
C HIS A 169 -6.29 -16.47 -11.74
N MET A 170 -5.10 -16.49 -11.14
CA MET A 170 -4.51 -17.75 -10.72
C MET A 170 -3.64 -17.60 -9.48
N GLU A 171 -3.63 -18.65 -8.66
CA GLU A 171 -2.64 -18.82 -7.60
C GLU A 171 -1.92 -20.14 -7.80
N LEU A 172 -0.59 -20.09 -7.81
CA LEU A 172 0.22 -21.27 -8.05
C LEU A 172 0.45 -22.06 -6.77
N PRO A 173 0.93 -23.31 -6.89
CA PRO A 173 1.25 -24.09 -5.68
C PRO A 173 2.13 -23.38 -4.67
N THR A 174 3.17 -22.65 -5.11
CA THR A 174 4.01 -21.95 -4.14
C THR A 174 3.36 -20.71 -3.55
N GLY A 175 2.09 -20.43 -3.84
CA GLY A 175 1.41 -19.31 -3.23
C GLY A 175 1.54 -17.99 -3.96
N VAL A 176 2.40 -17.90 -4.97
CA VAL A 176 2.49 -16.69 -5.78
C VAL A 176 1.34 -16.70 -6.78
N HIS A 177 1.11 -15.57 -7.45
CA HIS A 177 -0.08 -15.39 -8.26
C HIS A 177 0.31 -15.01 -9.69
N ALA A 178 -0.64 -15.26 -10.61
CA ALA A 178 -0.39 -15.05 -12.03
C ALA A 178 -1.68 -14.59 -12.70
N GLY A 179 -1.51 -13.85 -13.78
CA GLY A 179 -2.66 -13.32 -14.50
C GLY A 179 -2.25 -12.79 -15.85
N THR A 180 -3.14 -11.97 -16.42
CA THR A 180 -3.01 -11.46 -17.77
C THR A 180 -2.95 -9.94 -17.76
N ASP A 181 -2.63 -9.37 -18.92
CA ASP A 181 -2.92 -7.97 -19.16
C ASP A 181 -4.40 -7.82 -19.48
N LEU A 182 -4.83 -6.61 -19.82
CA LEU A 182 -6.25 -6.39 -20.07
C LEU A 182 -6.67 -6.80 -21.48
N GLU A 183 -5.75 -7.33 -22.28
CA GLU A 183 -6.07 -7.99 -23.54
C GLU A 183 -6.14 -9.51 -23.40
N GLY A 184 -6.05 -10.02 -22.17
CA GLY A 184 -6.18 -11.45 -21.93
C GLY A 184 -4.93 -12.27 -22.15
N ASN A 185 -3.78 -11.64 -22.38
CA ASN A 185 -2.54 -12.36 -22.61
C ASN A 185 -1.81 -12.56 -21.28
N PHE A 186 -1.61 -13.81 -20.90
CA PHE A 186 -0.95 -14.11 -19.63
C PHE A 186 0.46 -13.53 -19.60
N TYR A 187 0.85 -13.04 -18.42
CA TYR A 187 2.26 -12.81 -18.13
C TYR A 187 2.88 -14.15 -17.76
N GLY A 188 3.89 -14.58 -18.51
CA GLY A 188 4.53 -15.84 -18.26
C GLY A 188 3.87 -17.00 -18.96
N PRO A 189 4.39 -18.22 -18.72
CA PRO A 189 3.94 -19.38 -19.49
C PRO A 189 2.75 -20.10 -18.87
N PHE A 190 1.77 -19.35 -18.39
CA PHE A 190 0.65 -19.92 -17.68
C PHE A 190 -0.59 -19.99 -18.57
N VAL A 191 -1.38 -21.03 -18.36
CA VAL A 191 -2.65 -21.24 -19.05
C VAL A 191 -3.77 -21.31 -18.01
N ASP A 192 -4.96 -20.88 -18.41
CA ASP A 192 -6.09 -20.79 -17.47
C ASP A 192 -6.86 -22.11 -17.47
N ARG A 193 -6.29 -23.08 -16.75
CA ARG A 193 -6.90 -24.40 -16.60
C ARG A 193 -6.33 -25.06 -15.36
N GLN A 194 -7.14 -25.92 -14.74
CA GLN A 194 -6.74 -26.60 -13.50
C GLN A 194 -5.87 -27.80 -13.88
N THR A 195 -4.60 -27.49 -14.12
CA THR A 195 -3.55 -28.49 -14.36
C THR A 195 -2.33 -28.10 -13.53
N ALA A 196 -1.35 -28.98 -13.52
CA ALA A 196 -0.12 -28.71 -12.79
C ALA A 196 0.70 -27.65 -13.51
N GLN A 197 0.99 -26.55 -12.82
CA GLN A 197 1.80 -25.48 -13.37
C GLN A 197 2.77 -24.98 -12.31
N ALA A 198 3.99 -24.64 -12.74
CA ALA A 198 5.05 -24.24 -11.83
C ALA A 198 5.67 -22.93 -12.29
N ALA A 199 5.91 -22.04 -11.34
CA ALA A 199 6.69 -20.85 -11.64
C ALA A 199 8.15 -21.23 -11.86
N GLY A 200 8.74 -20.66 -12.91
CA GLY A 200 10.16 -20.81 -13.14
C GLY A 200 10.97 -20.23 -12.00
N THR A 201 12.28 -20.46 -12.06
CA THR A 201 13.18 -19.90 -11.06
C THR A 201 13.18 -18.37 -11.16
N ASP A 202 13.03 -17.72 -10.03
CA ASP A 202 13.00 -16.27 -9.98
C ASP A 202 14.41 -15.72 -9.85
N THR A 203 14.57 -14.44 -10.18
CA THR A 203 15.84 -13.75 -10.06
C THR A 203 15.61 -12.37 -9.43
N THR A 204 16.70 -11.70 -9.11
CA THR A 204 16.66 -10.37 -8.53
C THR A 204 16.54 -9.33 -9.64
N ILE A 205 15.69 -8.32 -9.42
CA ILE A 205 15.44 -7.26 -10.40
C ILE A 205 16.56 -6.24 -10.26
N THR A 206 17.53 -6.30 -11.17
CA THR A 206 18.75 -5.51 -11.03
C THR A 206 18.48 -4.02 -11.15
N VAL A 207 17.63 -3.61 -12.11
CA VAL A 207 17.34 -2.20 -12.29
C VAL A 207 16.71 -1.60 -11.02
N ASN A 208 15.96 -2.41 -10.27
CA ASN A 208 15.34 -1.90 -9.06
C ASN A 208 16.34 -1.81 -7.91
N VAL A 209 17.28 -2.77 -7.82
CA VAL A 209 18.34 -2.66 -6.83
C VAL A 209 19.17 -1.41 -7.08
N LEU A 210 19.49 -1.14 -8.35
CA LEU A 210 20.24 0.07 -8.68
C LEU A 210 19.46 1.32 -8.30
N ALA A 211 18.15 1.33 -8.56
CA ALA A 211 17.33 2.45 -8.12
C ALA A 211 17.39 2.61 -6.60
N TRP A 212 17.34 1.49 -5.88
CA TRP A 212 17.40 1.53 -4.43
C TRP A 212 18.73 2.10 -3.94
N LEU A 213 19.83 1.76 -4.62
CA LEU A 213 21.12 2.33 -4.27
C LEU A 213 21.15 3.83 -4.55
N TYR A 214 20.56 4.25 -5.67
CA TYR A 214 20.45 5.68 -5.96
C TYR A 214 19.66 6.40 -4.86
N ALA A 215 18.57 5.80 -4.39
CA ALA A 215 17.80 6.39 -3.30
C ALA A 215 18.65 6.50 -2.03
N ALA A 216 19.50 5.50 -1.78
CA ALA A 216 20.41 5.58 -0.64
C ALA A 216 21.37 6.76 -0.79
N VAL A 217 21.91 6.96 -1.99
CA VAL A 217 22.84 8.07 -2.21
C VAL A 217 22.13 9.40 -2.00
N ILE A 218 20.91 9.54 -2.53
CA ILE A 218 20.13 10.76 -2.35
C ILE A 218 19.97 11.09 -0.86
N ASN A 219 19.89 10.07 -0.01
CA ASN A 219 19.69 10.25 1.42
C ASN A 219 21.00 10.34 2.19
N GLY A 220 22.14 10.41 1.52
CA GLY A 220 23.42 10.57 2.18
C GLY A 220 24.09 9.28 2.60
N ASP A 221 23.52 8.12 2.28
CA ASP A 221 24.08 6.83 2.62
C ASP A 221 24.80 6.29 1.39
N ARG A 222 26.12 6.43 1.36
CA ARG A 222 26.86 6.20 0.13
C ARG A 222 28.23 5.57 0.37
N TRP A 223 28.39 4.83 1.48
CA TRP A 223 29.67 4.18 1.72
C TRP A 223 30.04 3.20 0.62
N PHE A 224 29.04 2.64 -0.06
CA PHE A 224 29.25 1.59 -1.05
C PHE A 224 29.75 2.10 -2.40
N LEU A 225 29.74 3.41 -2.62
CA LEU A 225 30.25 3.95 -3.87
C LEU A 225 31.75 3.72 -3.95
N ASN A 226 32.23 3.20 -5.08
CA ASN A 226 33.63 2.88 -5.27
C ASN A 226 34.21 3.69 -6.41
N ARG A 227 35.51 3.50 -6.64
CA ARG A 227 36.23 4.20 -7.70
C ARG A 227 36.15 3.48 -9.05
N PHE A 228 35.46 2.35 -9.13
CA PHE A 228 35.46 1.54 -10.33
C PHE A 228 34.34 1.93 -11.28
N THR A 229 34.45 1.45 -12.52
CA THR A 229 33.37 1.44 -13.48
C THR A 229 33.37 0.08 -14.16
N THR A 230 32.40 -0.14 -15.04
CA THR A 230 32.31 -1.41 -15.76
C THR A 230 31.56 -1.18 -17.06
N THR A 231 31.71 -2.13 -17.97
CA THR A 231 30.88 -2.16 -19.16
C THR A 231 29.56 -2.85 -18.82
N LEU A 232 28.53 -2.55 -19.62
CA LEU A 232 27.23 -3.17 -19.41
C LEU A 232 27.32 -4.68 -19.58
N ASN A 233 28.05 -5.14 -20.60
CA ASN A 233 28.14 -6.56 -20.87
C ASN A 233 28.88 -7.29 -19.75
N ASP A 234 29.98 -6.71 -19.26
CA ASP A 234 30.73 -7.36 -18.18
C ASP A 234 29.89 -7.46 -16.91
N PHE A 235 29.13 -6.40 -16.59
CA PHE A 235 28.25 -6.48 -15.43
C PHE A 235 27.17 -7.52 -15.63
N ASN A 236 26.58 -7.57 -16.83
CA ASN A 236 25.54 -8.56 -17.10
C ASN A 236 26.05 -9.98 -16.89
N LEU A 237 27.27 -10.26 -17.34
CA LEU A 237 27.82 -11.61 -17.20
C LEU A 237 28.11 -11.93 -15.74
N VAL A 238 28.57 -10.95 -14.97
CA VAL A 238 28.83 -11.17 -13.55
C VAL A 238 27.52 -11.29 -12.78
N ALA A 239 26.52 -10.48 -13.14
CA ALA A 239 25.29 -10.42 -12.37
C ALA A 239 24.52 -11.73 -12.44
N MET A 240 24.47 -12.35 -13.63
CA MET A 240 23.74 -13.61 -13.75
C MET A 240 24.36 -14.71 -12.88
N LYS A 241 25.66 -14.61 -12.60
CA LYS A 241 26.31 -15.56 -11.71
C LYS A 241 25.76 -15.47 -10.29
N TYR A 242 25.15 -14.35 -9.92
CA TYR A 242 24.53 -14.16 -8.62
C TYR A 242 23.02 -14.18 -8.71
N ASN A 243 22.47 -14.74 -9.79
CA ASN A 243 21.03 -14.86 -10.00
C ASN A 243 20.35 -13.50 -10.05
N TYR A 244 21.05 -12.49 -10.56
CA TYR A 244 20.48 -11.19 -10.86
C TYR A 244 20.07 -11.14 -12.32
N GLU A 245 19.03 -10.34 -12.61
CA GLU A 245 18.62 -10.13 -13.99
C GLU A 245 19.72 -9.39 -14.75
N PRO A 246 19.89 -9.68 -16.04
CA PRO A 246 20.75 -8.82 -16.86
C PRO A 246 20.05 -7.50 -17.15
N LEU A 247 20.85 -6.47 -17.36
CA LEU A 247 20.32 -5.14 -17.61
C LEU A 247 20.03 -4.96 -19.10
N THR A 248 18.88 -4.37 -19.39
CA THR A 248 18.52 -4.08 -20.76
C THR A 248 18.85 -2.63 -21.11
N GLN A 249 18.60 -2.34 -22.38
CA GLN A 249 18.63 -0.97 -22.86
C GLN A 249 17.75 -0.04 -22.03
N ASP A 250 16.46 -0.36 -21.93
CA ASP A 250 15.51 0.52 -21.26
C ASP A 250 15.85 0.67 -19.77
N HIS A 251 16.52 -0.34 -19.19
CA HIS A 251 16.92 -0.24 -17.79
C HIS A 251 17.92 0.89 -17.58
N VAL A 252 18.94 0.98 -18.43
CA VAL A 252 19.92 2.05 -18.33
C VAL A 252 19.25 3.40 -18.53
N ASP A 253 18.30 3.47 -19.48
CA ASP A 253 17.64 4.74 -19.79
C ASP A 253 16.81 5.23 -18.62
N ILE A 254 16.00 4.35 -18.01
CA ILE A 254 15.12 4.76 -16.94
C ILE A 254 15.86 5.04 -15.64
N LEU A 255 17.14 4.70 -15.55
CA LEU A 255 17.99 5.11 -14.45
C LEU A 255 18.60 6.50 -14.69
N GLY A 256 18.38 7.08 -15.87
CA GLY A 256 18.93 8.36 -16.23
C GLY A 256 18.64 9.50 -15.25
N PRO A 257 17.35 9.73 -14.96
CA PRO A 257 17.02 10.80 -14.00
C PRO A 257 17.72 10.68 -12.66
N LEU A 258 17.81 9.47 -12.11
CA LEU A 258 18.51 9.28 -10.84
C LEU A 258 20.01 9.44 -11.01
N SER A 259 20.55 8.97 -12.15
CA SER A 259 21.96 9.21 -12.44
C SER A 259 22.26 10.70 -12.52
N ALA A 260 21.35 11.48 -13.12
CA ALA A 260 21.56 12.92 -13.22
C ALA A 260 21.41 13.60 -11.86
N GLN A 261 20.43 13.15 -11.07
CA GLN A 261 20.18 13.78 -9.78
C GLN A 261 21.37 13.63 -8.84
N THR A 262 22.03 12.47 -8.88
CA THR A 262 23.14 12.19 -7.98
C THR A 262 24.50 12.45 -8.60
N GLY A 263 24.58 12.58 -9.92
CA GLY A 263 25.88 12.66 -10.57
C GLY A 263 26.65 11.37 -10.62
N ILE A 264 26.01 10.24 -10.33
CA ILE A 264 26.66 8.93 -10.38
C ILE A 264 26.24 8.26 -11.68
N ALA A 265 27.22 8.00 -12.55
CA ALA A 265 26.93 7.32 -13.81
C ALA A 265 26.33 5.94 -13.53
N VAL A 266 25.42 5.53 -14.43
CA VAL A 266 24.76 4.24 -14.27
C VAL A 266 25.77 3.12 -14.18
N LEU A 267 26.81 3.17 -15.01
CA LEU A 267 27.79 2.08 -15.04
C LEU A 267 28.71 2.13 -13.82
N ASP A 268 28.91 3.31 -13.24
CA ASP A 268 29.65 3.38 -11.97
C ASP A 268 28.84 2.74 -10.85
N MET A 269 27.54 2.99 -10.83
CA MET A 269 26.68 2.34 -9.83
C MET A 269 26.65 0.83 -10.04
N CYS A 270 26.72 0.38 -11.29
CA CYS A 270 26.80 -1.06 -11.57
C CYS A 270 28.06 -1.67 -10.96
N ALA A 271 29.19 -0.97 -11.07
CA ALA A 271 30.42 -1.44 -10.45
C ALA A 271 30.30 -1.47 -8.93
N SER A 272 29.55 -0.52 -8.36
CA SER A 272 29.34 -0.53 -6.91
C SER A 272 28.50 -1.73 -6.50
N LEU A 273 27.40 -1.99 -7.22
CA LEU A 273 26.60 -3.18 -6.94
C LEU A 273 27.40 -4.45 -7.17
N LYS A 274 28.25 -4.46 -8.21
CA LYS A 274 29.07 -5.64 -8.48
C LYS A 274 29.97 -5.95 -7.29
N GLU A 275 30.57 -4.93 -6.68
CA GLU A 275 31.41 -5.16 -5.51
C GLU A 275 30.61 -5.69 -4.35
N LEU A 276 29.36 -5.23 -4.20
CA LEU A 276 28.50 -5.74 -3.14
C LEU A 276 28.18 -7.21 -3.36
N LEU A 277 27.94 -7.61 -4.61
CA LEU A 277 27.69 -9.01 -4.91
C LEU A 277 28.92 -9.86 -4.62
N GLN A 278 30.09 -9.39 -5.03
CA GLN A 278 31.30 -10.20 -4.95
C GLN A 278 31.85 -10.29 -3.54
N ASN A 279 31.71 -9.24 -2.73
CA ASN A 279 32.30 -9.19 -1.40
C ASN A 279 31.28 -9.10 -0.27
N GLY A 280 30.00 -9.09 -0.58
CA GLY A 280 29.02 -8.90 0.47
C GLY A 280 29.02 -7.45 0.94
N MET A 281 28.36 -7.23 2.07
CA MET A 281 28.26 -5.91 2.67
C MET A 281 29.08 -5.79 3.95
N ASN A 282 30.07 -6.68 4.13
CA ASN A 282 30.89 -6.84 5.33
C ASN A 282 30.26 -6.24 6.58
N GLY A 283 29.06 -6.70 6.93
CA GLY A 283 28.37 -6.27 8.13
C GLY A 283 27.62 -4.96 8.03
N ARG A 284 27.99 -4.08 7.10
CA ARG A 284 27.42 -2.75 7.06
C ARG A 284 25.96 -2.79 6.56
N THR A 285 25.33 -1.62 6.59
CA THR A 285 23.91 -1.49 6.27
C THR A 285 23.70 -0.41 5.21
N ILE A 286 22.60 -0.54 4.47
CA ILE A 286 22.23 0.42 3.44
C ILE A 286 20.77 0.80 3.68
N LEU A 287 20.53 2.09 3.94
CA LEU A 287 19.19 2.60 4.28
C LEU A 287 18.58 1.80 5.44
N GLY A 288 19.44 1.44 6.40
CA GLY A 288 18.99 0.70 7.57
C GLY A 288 18.62 -0.74 7.30
N SER A 289 19.38 -1.42 6.45
CA SER A 289 19.07 -2.81 6.10
C SER A 289 20.29 -3.48 5.50
N ALA A 290 20.60 -4.68 5.99
CA ALA A 290 21.64 -5.51 5.40
C ALA A 290 21.11 -6.36 4.24
N LEU A 291 19.92 -6.04 3.74
CA LEU A 291 19.31 -6.73 2.61
C LEU A 291 19.06 -5.72 1.49
N LEU A 292 19.42 -6.09 0.27
CA LEU A 292 19.15 -5.23 -0.88
C LEU A 292 17.70 -5.41 -1.32
N GLU A 293 17.04 -4.30 -1.59
CA GLU A 293 15.63 -4.30 -1.97
C GLU A 293 15.50 -4.17 -3.48
N ASP A 294 14.58 -4.96 -4.06
CA ASP A 294 14.45 -5.00 -5.52
C ASP A 294 13.01 -4.78 -6.00
N GLU A 295 12.13 -4.21 -5.17
CA GLU A 295 10.76 -3.95 -5.58
C GLU A 295 10.42 -2.46 -5.59
N PHE A 296 11.42 -1.59 -5.59
CA PHE A 296 11.22 -0.15 -5.81
C PHE A 296 11.83 0.21 -7.16
N THR A 297 10.98 0.62 -8.10
CA THR A 297 11.42 1.03 -9.42
C THR A 297 12.04 2.42 -9.36
N PRO A 298 12.76 2.83 -10.42
CA PRO A 298 13.21 4.22 -10.49
C PRO A 298 12.09 5.25 -10.38
N PHE A 299 10.92 4.98 -10.97
CA PHE A 299 9.80 5.90 -10.81
C PHE A 299 9.31 5.92 -9.37
N ASP A 300 9.33 4.77 -8.70
CA ASP A 300 8.96 4.76 -7.28
C ASP A 300 9.93 5.59 -6.45
N VAL A 301 11.20 5.62 -6.84
CA VAL A 301 12.20 6.35 -6.07
C VAL A 301 11.98 7.85 -6.19
N VAL A 302 11.82 8.35 -7.42
CA VAL A 302 11.57 9.79 -7.59
C VAL A 302 10.24 10.18 -6.97
N ARG A 303 9.29 9.25 -6.92
CA ARG A 303 7.97 9.56 -6.37
C ARG A 303 8.03 9.76 -4.86
N GLN A 304 9.01 9.17 -4.19
CA GLN A 304 9.13 9.24 -2.74
C GLN A 304 10.28 10.12 -2.26
N CYS A 305 11.40 10.14 -2.98
CA CYS A 305 12.51 11.01 -2.59
C CYS A 305 12.28 12.44 -3.06
N SER A 306 11.71 12.61 -4.25
CA SER A 306 11.27 13.90 -4.74
C SER A 306 9.75 13.98 -4.67
N GLY A 307 9.23 15.17 -4.99
CA GLY A 307 7.79 15.41 -4.92
C GLY A 307 6.97 14.53 -5.83
N PHE B 8 1.63 -12.50 2.30
CA PHE B 8 1.27 -11.57 3.37
C PHE B 8 1.99 -10.23 3.23
N ARG B 9 1.23 -9.15 3.07
CA ARG B 9 1.81 -7.83 2.86
C ARG B 9 0.90 -6.76 3.44
N LYS B 10 1.47 -5.56 3.61
CA LYS B 10 0.72 -4.44 4.16
C LYS B 10 -0.34 -3.98 3.16
N MET B 11 -1.59 -3.97 3.59
CA MET B 11 -2.72 -3.62 2.74
C MET B 11 -3.50 -2.46 3.33
N ALA B 12 -3.66 -1.40 2.55
CA ALA B 12 -4.48 -0.27 2.96
C ALA B 12 -5.92 -0.45 2.49
N PHE B 13 -6.82 0.28 3.14
CA PHE B 13 -8.21 0.26 2.72
C PHE B 13 -8.37 1.04 1.41
N PRO B 14 -9.35 0.69 0.59
CA PRO B 14 -9.64 1.48 -0.62
C PRO B 14 -9.92 2.93 -0.24
N SER B 15 -9.26 3.85 -0.94
CA SER B 15 -9.21 5.25 -0.53
C SER B 15 -10.27 6.12 -1.21
N GLY B 16 -11.14 5.53 -2.05
CA GLY B 16 -12.05 6.34 -2.83
C GLY B 16 -12.95 7.25 -1.99
N LYS B 17 -13.46 6.71 -0.88
CA LYS B 17 -14.35 7.51 -0.03
C LYS B 17 -13.63 8.71 0.58
N VAL B 18 -12.32 8.60 0.83
CA VAL B 18 -11.57 9.71 1.40
C VAL B 18 -11.13 10.69 0.31
N GLU B 19 -10.76 10.17 -0.87
CA GLU B 19 -10.35 11.04 -1.98
C GLU B 19 -11.40 12.08 -2.30
N GLY B 20 -12.68 11.69 -2.22
CA GLY B 20 -13.76 12.63 -2.50
C GLY B 20 -13.94 13.71 -1.47
N CYS B 21 -13.18 13.70 -0.39
CA CYS B 21 -13.28 14.70 0.66
C CYS B 21 -12.07 15.63 0.73
N MET B 22 -11.01 15.35 -0.01
CA MET B 22 -9.80 16.15 0.09
C MET B 22 -9.94 17.44 -0.72
N VAL B 23 -9.58 18.56 -0.10
CA VAL B 23 -9.61 19.86 -0.75
C VAL B 23 -8.31 20.60 -0.42
N GLN B 24 -8.10 21.70 -1.12
CA GLN B 24 -6.95 22.56 -0.93
C GLN B 24 -7.36 23.78 -0.11
N VAL B 25 -6.53 24.13 0.88
CA VAL B 25 -6.79 25.27 1.76
C VAL B 25 -5.57 26.18 1.73
N THR B 26 -5.79 27.46 1.48
CA THR B 26 -4.72 28.44 1.34
C THR B 26 -4.97 29.62 2.25
N CYS B 27 -3.93 30.01 3.00
CA CYS B 27 -3.94 31.22 3.81
C CYS B 27 -2.57 31.86 3.69
N GLY B 28 -2.53 33.08 3.16
CA GLY B 28 -1.23 33.73 2.95
C GLY B 28 -0.40 32.95 1.95
N THR B 29 0.83 32.64 2.34
CA THR B 29 1.72 31.85 1.50
C THR B 29 1.63 30.36 1.77
N THR B 30 0.76 29.92 2.68
CA THR B 30 0.69 28.53 3.09
C THR B 30 -0.48 27.84 2.38
N THR B 31 -0.16 26.77 1.66
CA THR B 31 -1.15 25.90 1.04
C THR B 31 -1.01 24.51 1.63
N LEU B 32 -2.12 23.94 2.10
CA LEU B 32 -2.11 22.56 2.59
C LEU B 32 -3.47 21.94 2.27
N ASN B 33 -3.67 20.71 2.74
CA ASN B 33 -4.88 19.96 2.45
C ASN B 33 -5.91 20.13 3.55
N GLY B 34 -7.18 20.00 3.16
CA GLY B 34 -8.27 20.00 4.10
C GLY B 34 -9.21 18.85 3.83
N LEU B 35 -9.96 18.48 4.87
CA LEU B 35 -10.94 17.39 4.82
C LEU B 35 -12.33 17.98 4.81
N TRP B 36 -13.06 17.77 3.72
CA TRP B 36 -14.36 18.39 3.48
C TRP B 36 -15.46 17.36 3.76
N LEU B 37 -16.12 17.51 4.91
CA LEU B 37 -17.24 16.65 5.29
C LEU B 37 -18.46 17.53 5.55
N ASP B 38 -19.56 17.23 4.85
CA ASP B 38 -20.79 18.02 4.90
C ASP B 38 -20.41 19.45 4.53
N ASP B 39 -20.68 20.45 5.38
CA ASP B 39 -20.35 21.84 5.05
C ASP B 39 -19.18 22.37 5.89
N VAL B 40 -18.29 21.48 6.34
CA VAL B 40 -17.16 21.87 7.17
C VAL B 40 -15.87 21.31 6.54
N VAL B 41 -14.85 22.15 6.47
CA VAL B 41 -13.52 21.73 6.04
C VAL B 41 -12.59 21.79 7.25
N TYR B 42 -11.97 20.66 7.55
CA TYR B 42 -11.01 20.55 8.66
C TYR B 42 -9.59 20.56 8.11
N CYS B 43 -8.71 21.29 8.77
CA CYS B 43 -7.34 21.43 8.31
C CYS B 43 -6.47 21.81 9.50
N PRO B 44 -5.15 21.61 9.40
CA PRO B 44 -4.27 22.02 10.51
C PRO B 44 -4.29 23.52 10.69
N ARG B 45 -4.33 23.95 11.96
CA ARG B 45 -4.48 25.36 12.25
C ARG B 45 -3.24 26.18 11.93
N HIS B 46 -2.08 25.54 11.78
CA HIS B 46 -0.87 26.31 11.46
C HIS B 46 -0.88 26.83 10.03
N VAL B 47 -1.96 26.60 9.27
CA VAL B 47 -2.12 27.19 7.95
C VAL B 47 -2.22 28.70 8.01
N ILE B 48 -2.57 29.26 9.18
CA ILE B 48 -2.66 30.71 9.33
C ILE B 48 -1.34 31.34 9.71
N CYS B 49 -0.30 30.54 9.96
CA CYS B 49 0.97 31.05 10.46
C CYS B 49 1.90 31.43 9.31
N THR B 50 2.45 32.64 9.39
CA THR B 50 3.62 32.95 8.58
C THR B 50 4.80 32.13 9.08
N SER B 51 5.86 32.05 8.26
CA SER B 51 7.03 31.31 8.68
C SER B 51 7.64 31.87 9.96
N GLU B 52 7.41 33.16 10.24
CA GLU B 52 7.86 33.73 11.50
C GLU B 52 6.86 33.46 12.63
N ASP B 53 5.56 33.43 12.32
CA ASP B 53 4.58 32.94 13.28
C ASP B 53 4.91 31.53 13.73
N MET B 54 5.35 30.68 12.79
CA MET B 54 5.65 29.29 13.09
C MET B 54 6.62 29.14 14.26
N LEU B 55 7.50 30.12 14.46
CA LEU B 55 8.55 29.99 15.46
C LEU B 55 7.98 29.99 16.88
N ASN B 56 6.87 30.68 17.10
CA ASN B 56 6.18 30.66 18.40
C ASN B 56 4.80 31.29 18.27
N PRO B 57 3.80 30.55 17.80
CA PRO B 57 2.48 31.13 17.56
C PRO B 57 1.58 31.17 18.79
N ASN B 58 0.92 32.31 18.97
CA ASN B 58 -0.24 32.41 19.87
C ASN B 58 -1.46 32.27 18.98
N TYR B 59 -2.02 31.05 18.94
CA TYR B 59 -2.97 30.69 17.89
C TYR B 59 -4.28 31.45 18.03
N GLU B 60 -4.76 31.65 19.26
CA GLU B 60 -5.99 32.40 19.46
C GLU B 60 -5.84 33.84 18.97
N ASP B 61 -4.69 34.45 19.23
CA ASP B 61 -4.44 35.81 18.77
C ASP B 61 -4.33 35.87 17.25
N LEU B 62 -3.61 34.91 16.65
CA LEU B 62 -3.45 34.94 15.20
C LEU B 62 -4.77 34.67 14.48
N LEU B 63 -5.66 33.87 15.09
CA LEU B 63 -6.92 33.54 14.45
C LEU B 63 -7.89 34.72 14.48
N ILE B 64 -7.98 35.43 15.60
CA ILE B 64 -8.92 36.53 15.74
C ILE B 64 -8.66 37.62 14.70
N ARG B 65 -7.43 37.69 14.18
CA ARG B 65 -7.05 38.68 13.17
C ARG B 65 -7.30 38.20 11.76
N LYS B 66 -7.82 36.98 11.59
CA LYS B 66 -8.14 36.44 10.28
C LYS B 66 -9.62 36.61 9.99
N SER B 67 -9.95 36.91 8.75
CA SER B 67 -11.33 36.94 8.29
C SER B 67 -11.63 35.72 7.47
N ASN B 68 -12.93 35.45 7.27
CA ASN B 68 -13.35 34.35 6.41
C ASN B 68 -12.70 34.45 5.04
N HIS B 69 -12.55 35.67 4.53
CA HIS B 69 -11.98 35.89 3.21
C HIS B 69 -10.48 35.61 3.13
N ASN B 70 -9.80 35.46 4.26
CA ASN B 70 -8.39 35.09 4.24
C ASN B 70 -8.18 33.61 3.94
N PHE B 71 -9.25 32.83 3.82
CA PHE B 71 -9.16 31.38 3.60
C PHE B 71 -9.66 31.06 2.21
N LEU B 72 -8.75 30.62 1.34
CA LEU B 72 -9.08 30.19 0.00
C LEU B 72 -9.18 28.66 0.00
N VAL B 73 -10.38 28.14 -0.23
CA VAL B 73 -10.65 26.71 -0.25
C VAL B 73 -10.99 26.31 -1.69
N GLN B 74 -10.33 25.28 -2.19
CA GLN B 74 -10.52 24.82 -3.56
C GLN B 74 -10.83 23.32 -3.55
N ALA B 75 -11.91 22.94 -4.22
CA ALA B 75 -12.27 21.55 -4.43
C ALA B 75 -12.10 21.26 -5.91
N GLY B 76 -10.94 20.68 -6.27
CA GLY B 76 -10.61 20.52 -7.67
C GLY B 76 -10.42 21.86 -8.34
N ASN B 77 -11.33 22.21 -9.25
CA ASN B 77 -11.27 23.49 -9.94
C ASN B 77 -12.13 24.56 -9.29
N VAL B 78 -13.17 24.18 -8.57
CA VAL B 78 -14.13 25.14 -8.05
C VAL B 78 -13.66 25.64 -6.69
N GLN B 79 -13.84 26.94 -6.45
CA GLN B 79 -13.59 27.54 -5.17
C GLN B 79 -14.83 27.44 -4.28
N LEU B 80 -14.62 27.12 -3.01
CA LEU B 80 -15.68 27.09 -2.02
C LEU B 80 -15.59 28.31 -1.13
N ARG B 81 -16.73 28.95 -0.88
CA ARG B 81 -16.77 30.19 -0.12
C ARG B 81 -16.84 29.88 1.37
N VAL B 82 -15.88 30.42 2.12
CA VAL B 82 -15.87 30.28 3.58
C VAL B 82 -16.87 31.28 4.16
N ILE B 83 -17.83 30.77 4.93
CA ILE B 83 -18.83 31.60 5.59
C ILE B 83 -18.73 31.51 7.11
N GLY B 84 -17.69 30.88 7.62
CA GLY B 84 -17.50 30.76 9.05
C GLY B 84 -16.22 30.01 9.33
N HIS B 85 -15.68 30.26 10.52
CA HIS B 85 -14.43 29.62 10.91
C HIS B 85 -14.32 29.57 12.42
N SER B 86 -13.85 28.43 12.93
CA SER B 86 -13.60 28.25 14.34
C SER B 86 -12.41 27.31 14.50
N MET B 87 -11.93 27.19 15.74
CA MET B 87 -10.76 26.42 16.08
C MET B 87 -11.10 25.42 17.17
N GLN B 88 -10.80 24.15 16.92
CA GLN B 88 -10.94 23.08 17.92
C GLN B 88 -9.55 22.50 18.15
N ASN B 89 -8.93 22.89 19.25
CA ASN B 89 -7.58 22.44 19.61
C ASN B 89 -6.65 22.82 18.45
N CYS B 90 -5.92 21.88 17.86
CA CYS B 90 -4.98 22.20 16.79
C CYS B 90 -5.59 22.09 15.40
N VAL B 91 -6.91 21.92 15.31
CA VAL B 91 -7.59 21.77 14.02
C VAL B 91 -8.50 22.97 13.81
N LEU B 92 -8.44 23.53 12.61
CA LEU B 92 -9.29 24.64 12.19
C LEU B 92 -10.48 24.10 11.42
N LYS B 93 -11.67 24.62 11.72
CA LYS B 93 -12.91 24.22 11.07
C LYS B 93 -13.44 25.39 10.26
N LEU B 94 -13.46 25.23 8.93
CA LEU B 94 -13.92 26.26 8.01
C LEU B 94 -15.29 25.86 7.48
N LYS B 95 -16.32 26.62 7.84
CA LYS B 95 -17.65 26.37 7.31
C LYS B 95 -17.77 26.98 5.92
N VAL B 96 -18.33 26.23 4.99
CA VAL B 96 -18.46 26.66 3.60
C VAL B 96 -19.93 26.63 3.19
N ASP B 97 -20.23 27.34 2.10
CA ASP B 97 -21.60 27.47 1.65
C ASP B 97 -22.15 26.22 0.98
N THR B 98 -21.29 25.26 0.62
CA THR B 98 -21.70 24.07 -0.10
C THR B 98 -21.40 22.83 0.72
N ALA B 99 -22.31 21.86 0.67
CA ALA B 99 -22.10 20.57 1.32
C ALA B 99 -21.47 19.60 0.34
N ASN B 100 -20.51 18.82 0.84
CA ASN B 100 -19.84 17.84 0.01
C ASN B 100 -20.80 16.72 -0.36
N PRO B 101 -21.22 16.60 -1.62
CA PRO B 101 -22.13 15.50 -1.98
C PRO B 101 -21.49 14.13 -1.83
N LYS B 102 -20.16 14.06 -1.86
CA LYS B 102 -19.44 12.81 -1.71
C LYS B 102 -19.15 12.47 -0.25
N THR B 103 -19.77 13.17 0.70
CA THR B 103 -19.55 12.91 2.11
C THR B 103 -19.97 11.48 2.45
N PRO B 104 -19.06 10.63 2.88
CA PRO B 104 -19.44 9.27 3.28
C PRO B 104 -19.90 9.26 4.74
N LYS B 105 -20.53 8.15 5.11
CA LYS B 105 -20.84 7.94 6.52
C LYS B 105 -19.54 7.76 7.29
N TYR B 106 -19.36 8.57 8.33
CA TYR B 106 -18.04 8.70 8.94
C TYR B 106 -18.15 8.90 10.45
N LYS B 107 -17.01 8.71 11.12
CA LYS B 107 -16.84 8.98 12.53
C LYS B 107 -15.44 9.51 12.77
N PHE B 108 -15.29 10.30 13.84
CA PHE B 108 -13.98 10.69 14.35
C PHE B 108 -13.65 9.81 15.55
N VAL B 109 -12.59 9.03 15.45
CA VAL B 109 -12.13 8.21 16.56
C VAL B 109 -10.67 8.54 16.85
N ARG B 110 -10.29 8.43 18.12
CA ARG B 110 -8.90 8.52 18.53
C ARG B 110 -8.40 7.11 18.79
N ILE B 111 -7.42 6.66 17.99
CA ILE B 111 -6.96 5.29 18.09
C ILE B 111 -5.94 5.18 19.22
N GLN B 112 -5.76 3.97 19.68
CA GLN B 112 -4.83 3.53 20.71
C GLN B 112 -3.47 3.23 20.09
N PRO B 113 -2.40 3.39 20.87
CA PRO B 113 -1.07 2.99 20.37
C PRO B 113 -1.05 1.51 20.00
N GLY B 114 -0.38 1.21 18.90
CA GLY B 114 -0.31 -0.13 18.37
C GLY B 114 -1.30 -0.43 17.26
N GLN B 115 -2.36 0.36 17.16
CA GLN B 115 -3.35 0.17 16.11
C GLN B 115 -2.86 0.76 14.79
N THR B 116 -3.42 0.26 13.70
CA THR B 116 -3.04 0.68 12.37
C THR B 116 -4.16 1.47 11.70
N PHE B 117 -3.80 2.13 10.60
CA PHE B 117 -4.75 2.90 9.81
C PHE B 117 -4.12 3.20 8.46
N SER B 118 -4.96 3.47 7.48
CA SER B 118 -4.52 3.85 6.15
C SER B 118 -4.36 5.36 6.07
N VAL B 119 -3.25 5.80 5.47
CA VAL B 119 -2.97 7.21 5.26
C VAL B 119 -3.11 7.50 3.77
N LEU B 120 -3.92 8.50 3.44
CA LEU B 120 -4.02 8.97 2.05
C LEU B 120 -3.18 10.24 1.95
N ALA B 121 -1.94 10.09 1.50
CA ALA B 121 -1.07 11.23 1.32
C ALA B 121 -1.61 12.11 0.20
N CYS B 122 -1.72 13.41 0.45
CA CYS B 122 -2.26 14.36 -0.52
C CYS B 122 -1.37 15.57 -0.62
N TYR B 123 -1.38 16.20 -1.79
CA TYR B 123 -0.64 17.43 -2.04
C TYR B 123 -1.50 18.36 -2.89
N ASN B 124 -1.66 19.60 -2.43
CA ASN B 124 -2.52 20.58 -3.09
C ASN B 124 -3.93 20.05 -3.27
N GLY B 125 -4.41 19.30 -2.27
CA GLY B 125 -5.74 18.73 -2.32
C GLY B 125 -5.90 17.55 -3.26
N SER B 126 -4.84 17.10 -3.92
CA SER B 126 -4.92 15.95 -4.82
C SER B 126 -4.30 14.73 -4.19
N PRO B 127 -4.99 13.59 -4.14
CA PRO B 127 -4.41 12.39 -3.54
C PRO B 127 -3.26 11.86 -4.40
N SER B 128 -2.20 11.43 -3.74
CA SER B 128 -1.03 10.90 -4.42
C SER B 128 -0.70 9.46 -4.05
N GLY B 129 -0.96 9.04 -2.81
CA GLY B 129 -0.64 7.67 -2.42
C GLY B 129 -1.40 7.27 -1.18
N VAL B 130 -1.41 5.97 -0.93
CA VAL B 130 -2.08 5.41 0.25
C VAL B 130 -1.25 4.25 0.78
N TYR B 131 -1.10 4.19 2.10
CA TYR B 131 -0.27 3.18 2.73
C TYR B 131 -0.70 3.00 4.19
N GLN B 132 -0.29 1.88 4.76
CA GLN B 132 -0.62 1.55 6.14
C GLN B 132 0.39 2.18 7.10
N CYS B 133 -0.11 2.64 8.24
CA CYS B 133 0.73 3.16 9.30
C CYS B 133 0.25 2.62 10.63
N ALA B 134 1.17 2.48 11.57
CA ALA B 134 0.83 2.08 12.92
C ALA B 134 1.15 3.22 13.88
N MET B 135 0.23 3.49 14.80
CA MET B 135 0.49 4.43 15.88
C MET B 135 1.50 3.82 16.84
N ARG B 136 2.75 4.29 16.80
CA ARG B 136 3.78 3.75 17.66
C ARG B 136 3.42 3.99 19.13
N PRO B 137 3.98 3.19 20.04
CA PRO B 137 3.72 3.44 21.47
C PRO B 137 4.17 4.82 21.94
N ASN B 138 5.21 5.39 21.33
CA ASN B 138 5.60 6.77 21.63
C ASN B 138 4.83 7.80 20.81
N PHE B 139 3.73 7.38 20.18
CA PHE B 139 2.74 8.27 19.56
C PHE B 139 3.30 9.03 18.36
N THR B 140 4.36 8.54 17.75
CA THR B 140 4.74 8.95 16.40
C THR B 140 4.21 7.93 15.41
N ILE B 141 4.37 8.23 14.12
CA ILE B 141 4.10 7.26 13.06
C ILE B 141 5.22 7.33 12.04
N LYS B 142 5.54 6.19 11.45
CA LYS B 142 6.61 6.08 10.46
C LYS B 142 5.96 6.13 9.08
N GLY B 143 5.72 7.34 8.61
CA GLY B 143 5.00 7.57 7.38
C GLY B 143 5.86 8.10 6.27
N SER B 144 5.20 8.49 5.19
CA SER B 144 5.85 9.11 4.02
C SER B 144 5.13 10.41 3.75
N PHE B 145 5.69 11.51 4.25
CA PHE B 145 5.07 12.82 4.17
C PHE B 145 6.13 13.84 3.73
N LEU B 146 5.84 14.58 2.67
CA LEU B 146 6.71 15.64 2.20
C LEU B 146 6.08 17.00 2.45
N ASN B 147 6.79 18.05 2.04
CA ASN B 147 6.24 19.40 2.09
C ASN B 147 4.94 19.46 1.29
N GLY B 148 3.88 19.94 1.94
CA GLY B 148 2.56 20.01 1.34
C GLY B 148 1.60 18.93 1.78
N SER B 149 2.09 17.91 2.50
CA SER B 149 1.24 16.79 2.91
C SER B 149 0.40 17.09 4.14
N CYS B 150 0.61 18.23 4.82
CA CYS B 150 -0.17 18.55 6.00
C CYS B 150 -1.65 18.65 5.66
N GLY B 151 -2.49 18.12 6.54
CA GLY B 151 -3.89 17.97 6.28
C GLY B 151 -4.28 16.59 5.77
N SER B 152 -3.32 15.82 5.27
CA SER B 152 -3.59 14.43 4.93
C SER B 152 -4.10 13.68 6.16
N VAL B 153 -5.02 12.75 5.94
CA VAL B 153 -5.71 12.10 7.05
C VAL B 153 -5.41 10.59 7.03
N GLY B 154 -5.47 10.00 8.22
CA GLY B 154 -5.44 8.56 8.38
C GLY B 154 -6.82 8.07 8.74
N PHE B 155 -7.13 6.82 8.37
CA PHE B 155 -8.51 6.35 8.51
C PHE B 155 -8.55 4.83 8.50
N ASN B 156 -9.65 4.31 9.01
CA ASN B 156 -10.04 2.91 8.84
C ASN B 156 -11.45 2.87 8.27
N ILE B 157 -11.76 1.80 7.54
CA ILE B 157 -13.05 1.64 6.91
C ILE B 157 -13.66 0.33 7.38
N ASP B 158 -14.84 0.42 8.02
CA ASP B 158 -15.60 -0.74 8.44
C ASP B 158 -16.95 -0.70 7.72
N TYR B 159 -17.16 -1.66 6.82
CA TYR B 159 -18.30 -1.67 5.92
C TYR B 159 -18.30 -0.41 5.08
N ASP B 160 -19.24 0.51 5.31
CA ASP B 160 -19.25 1.77 4.59
C ASP B 160 -18.91 2.96 5.49
N CYS B 161 -18.42 2.71 6.69
CA CYS B 161 -18.12 3.77 7.65
C CYS B 161 -16.62 4.06 7.63
N VAL B 162 -16.27 5.32 7.37
CA VAL B 162 -14.89 5.77 7.44
C VAL B 162 -14.65 6.32 8.83
N SER B 163 -13.68 5.76 9.55
CA SER B 163 -13.30 6.25 10.87
C SER B 163 -12.00 7.02 10.72
N PHE B 164 -12.12 8.35 10.63
CA PHE B 164 -10.93 9.19 10.60
C PHE B 164 -10.28 9.22 11.97
N CYS B 165 -8.98 8.97 12.03
CA CYS B 165 -8.27 8.96 13.30
C CYS B 165 -7.04 9.85 13.33
N TYR B 166 -6.56 10.33 12.20
CA TYR B 166 -5.29 11.04 12.14
C TYR B 166 -5.36 12.17 11.14
N MET B 167 -4.72 13.28 11.47
CA MET B 167 -4.45 14.35 10.52
C MET B 167 -3.00 14.78 10.71
N HIS B 168 -2.30 14.95 9.60
CA HIS B 168 -0.85 15.14 9.62
C HIS B 168 -0.49 16.60 9.88
N HIS B 169 0.57 16.80 10.68
CA HIS B 169 1.03 18.14 11.05
C HIS B 169 2.54 18.33 10.94
N MET B 170 3.34 17.32 11.30
CA MET B 170 4.73 17.56 11.61
C MET B 170 5.62 16.40 11.19
N GLU B 171 6.89 16.73 10.92
CA GLU B 171 7.95 15.75 10.80
C GLU B 171 9.05 16.10 11.78
N LEU B 172 9.46 15.12 12.60
CA LEU B 172 10.50 15.34 13.59
C LEU B 172 11.88 15.28 12.96
N PRO B 173 12.90 15.78 13.65
CA PRO B 173 14.28 15.67 13.11
C PRO B 173 14.70 14.24 12.80
N THR B 174 14.19 13.25 13.51
CA THR B 174 14.54 11.87 13.27
C THR B 174 13.86 11.29 12.03
N GLY B 175 12.93 12.00 11.42
CA GLY B 175 12.24 11.53 10.24
C GLY B 175 10.90 10.88 10.49
N VAL B 176 10.50 10.71 11.75
CA VAL B 176 9.18 10.17 12.06
C VAL B 176 8.17 11.31 12.05
N HIS B 177 6.89 10.99 12.15
CA HIS B 177 5.83 11.96 11.90
C HIS B 177 4.87 12.02 13.08
N ALA B 178 4.25 13.18 13.25
CA ALA B 178 3.33 13.43 14.35
C ALA B 178 2.12 14.19 13.83
N GLY B 179 0.98 13.97 14.49
CA GLY B 179 -0.23 14.63 14.09
C GLY B 179 -1.28 14.52 15.18
N THR B 180 -2.51 14.87 14.82
CA THR B 180 -3.61 14.94 15.76
C THR B 180 -4.73 14.00 15.32
N ASP B 181 -5.68 13.78 16.23
CA ASP B 181 -6.95 13.22 15.82
C ASP B 181 -7.78 14.32 15.15
N LEU B 182 -8.99 13.98 14.75
CA LEU B 182 -9.82 14.97 14.07
C LEU B 182 -10.52 15.92 15.04
N GLU B 183 -10.26 15.80 16.34
CA GLU B 183 -10.64 16.81 17.32
C GLU B 183 -9.51 17.79 17.59
N GLY B 184 -8.36 17.63 16.93
CA GLY B 184 -7.26 18.54 17.07
C GLY B 184 -6.26 18.23 18.17
N ASN B 185 -6.44 17.12 18.89
CA ASN B 185 -5.53 16.76 19.97
C ASN B 185 -4.39 15.89 19.44
N PHE B 186 -3.17 16.32 19.72
CA PHE B 186 -2.00 15.60 19.24
C PHE B 186 -1.94 14.19 19.83
N TYR B 187 -1.42 13.27 19.02
CA TYR B 187 -0.88 12.02 19.55
C TYR B 187 0.52 12.30 20.05
N GLY B 188 0.73 12.16 21.36
CA GLY B 188 2.04 12.38 21.93
C GLY B 188 2.23 13.75 22.52
N PRO B 189 3.41 13.99 23.11
CA PRO B 189 3.64 15.25 23.82
C PRO B 189 4.12 16.37 22.92
N PHE B 190 3.62 16.42 21.69
CA PHE B 190 4.07 17.38 20.71
C PHE B 190 3.15 18.59 20.65
N VAL B 191 3.70 19.69 20.15
CA VAL B 191 2.96 20.93 19.95
C VAL B 191 3.24 21.44 18.54
N ASP B 192 2.26 22.13 17.95
CA ASP B 192 2.38 22.63 16.59
C ASP B 192 3.21 23.92 16.60
N ARG B 193 4.53 23.76 16.65
CA ARG B 193 5.46 24.87 16.53
C ARG B 193 6.70 24.48 15.74
N GLN B 194 7.38 25.50 15.23
CA GLN B 194 8.72 25.38 14.68
C GLN B 194 9.71 25.43 15.84
N THR B 195 9.82 24.31 16.54
CA THR B 195 10.84 24.13 17.57
C THR B 195 11.20 22.65 17.61
N ALA B 196 12.50 22.38 17.82
CA ALA B 196 12.97 21.00 17.80
C ALA B 196 12.30 20.21 18.91
N GLN B 197 11.71 19.08 18.55
CA GLN B 197 11.02 18.21 19.50
C GLN B 197 11.41 16.77 19.22
N ALA B 198 11.77 16.06 20.27
CA ALA B 198 12.02 14.63 20.21
C ALA B 198 10.86 13.89 20.86
N ALA B 199 10.74 12.62 20.51
CA ALA B 199 9.72 11.76 21.08
C ALA B 199 10.29 10.96 22.23
N GLY B 200 9.40 10.37 23.02
CA GLY B 200 9.80 9.40 24.01
C GLY B 200 10.43 8.18 23.35
N THR B 201 11.11 7.39 24.17
CA THR B 201 11.72 6.17 23.67
C THR B 201 10.64 5.24 23.13
N ASP B 202 10.81 4.81 21.88
CA ASP B 202 9.86 3.89 21.28
C ASP B 202 10.11 2.47 21.77
N THR B 203 9.02 1.73 21.90
CA THR B 203 9.05 0.31 22.21
C THR B 203 8.35 -0.46 21.10
N THR B 204 8.55 -1.78 21.09
CA THR B 204 7.98 -2.63 20.06
C THR B 204 6.60 -3.11 20.50
N ILE B 205 5.68 -3.19 19.52
CA ILE B 205 4.30 -3.60 19.78
C ILE B 205 4.28 -5.13 19.80
N THR B 206 4.23 -5.70 21.01
CA THR B 206 4.44 -7.13 21.18
C THR B 206 3.31 -7.95 20.55
N VAL B 207 2.06 -7.57 20.82
CA VAL B 207 0.94 -8.34 20.29
C VAL B 207 0.95 -8.34 18.77
N ASN B 208 1.51 -7.29 18.16
CA ASN B 208 1.61 -7.24 16.71
C ASN B 208 2.70 -8.17 16.19
N VAL B 209 3.84 -8.22 16.90
CA VAL B 209 4.92 -9.13 16.50
C VAL B 209 4.42 -10.58 16.51
N LEU B 210 3.66 -10.94 17.54
CA LEU B 210 3.14 -12.30 17.64
C LEU B 210 2.16 -12.61 16.52
N ALA B 211 1.24 -11.69 16.23
CA ALA B 211 0.32 -11.88 15.11
C ALA B 211 1.08 -12.06 13.81
N TRP B 212 2.15 -11.29 13.62
CA TRP B 212 2.95 -11.39 12.40
C TRP B 212 3.73 -12.70 12.38
N LEU B 213 4.18 -13.18 13.54
CA LEU B 213 4.79 -14.51 13.59
C LEU B 213 3.77 -15.59 13.25
N TYR B 214 2.52 -15.41 13.71
CA TYR B 214 1.45 -16.34 13.33
C TYR B 214 1.22 -16.32 11.83
N ALA B 215 1.13 -15.12 11.25
CA ALA B 215 0.98 -14.99 9.80
C ALA B 215 2.09 -15.70 9.06
N ALA B 216 3.30 -15.67 9.60
CA ALA B 216 4.41 -16.41 9.00
C ALA B 216 4.16 -17.91 8.97
N VAL B 217 3.32 -18.41 9.87
CA VAL B 217 3.03 -19.84 9.92
C VAL B 217 1.83 -20.20 9.04
N ILE B 218 0.80 -19.35 9.03
CA ILE B 218 -0.31 -19.52 8.10
C ILE B 218 0.18 -19.46 6.67
N ASN B 219 1.37 -18.89 6.45
CA ASN B 219 1.96 -18.75 5.13
C ASN B 219 3.12 -19.71 4.90
N GLY B 220 3.37 -20.65 5.83
CA GLY B 220 4.26 -21.76 5.58
C GLY B 220 5.62 -21.68 6.26
N ASP B 221 5.97 -20.57 6.90
CA ASP B 221 7.29 -20.39 7.48
C ASP B 221 7.23 -20.75 8.97
N ARG B 222 7.85 -21.88 9.33
CA ARG B 222 7.78 -22.41 10.69
C ARG B 222 9.13 -22.52 11.39
N TRP B 223 10.21 -21.99 10.81
CA TRP B 223 11.54 -22.32 11.31
C TRP B 223 11.79 -21.78 12.72
N PHE B 224 11.12 -20.71 13.13
CA PHE B 224 11.40 -20.07 14.41
C PHE B 224 10.73 -20.76 15.59
N LEU B 225 9.78 -21.66 15.35
CA LEU B 225 9.04 -22.29 16.43
C LEU B 225 9.97 -23.16 17.28
N ASN B 226 9.47 -23.54 18.45
CA ASN B 226 10.18 -24.48 19.32
C ASN B 226 9.16 -25.23 20.17
N ARG B 227 9.59 -26.37 20.70
CA ARG B 227 8.71 -27.22 21.49
C ARG B 227 8.44 -26.66 22.88
N PHE B 228 8.98 -25.49 23.23
CA PHE B 228 8.94 -24.97 24.58
C PHE B 228 7.77 -24.02 24.78
N THR B 229 7.55 -23.65 26.05
CA THR B 229 6.48 -22.74 26.44
C THR B 229 6.97 -21.84 27.56
N THR B 230 6.10 -20.94 28.00
CA THR B 230 6.46 -19.94 29.00
C THR B 230 5.20 -19.44 29.67
N THR B 231 5.34 -19.01 30.92
CA THR B 231 4.24 -18.32 31.57
C THR B 231 4.12 -16.91 31.01
N LEU B 232 2.95 -16.30 31.23
CA LEU B 232 2.73 -14.96 30.71
C LEU B 232 3.64 -13.95 31.40
N ASN B 233 3.81 -14.08 32.72
CA ASN B 233 4.67 -13.15 33.45
C ASN B 233 6.13 -13.33 33.08
N ASP B 234 6.59 -14.57 32.92
CA ASP B 234 7.98 -14.80 32.55
C ASP B 234 8.28 -14.24 31.16
N PHE B 235 7.31 -14.34 30.24
CA PHE B 235 7.50 -13.74 28.92
C PHE B 235 7.60 -12.22 29.03
N ASN B 236 6.74 -11.61 29.85
CA ASN B 236 6.73 -10.15 29.96
C ASN B 236 8.00 -9.63 30.63
N LEU B 237 8.61 -10.42 31.51
CA LEU B 237 9.89 -10.02 32.09
C LEU B 237 10.95 -9.88 31.01
N VAL B 238 11.08 -10.89 30.15
CA VAL B 238 12.03 -10.83 29.05
C VAL B 238 11.63 -9.72 28.08
N ALA B 239 10.34 -9.59 27.79
CA ALA B 239 9.89 -8.59 26.81
C ALA B 239 10.21 -7.18 27.28
N MET B 240 9.97 -6.88 28.56
CA MET B 240 10.30 -5.56 29.09
C MET B 240 11.81 -5.32 29.01
N LYS B 241 12.61 -6.36 29.20
CA LYS B 241 14.06 -6.24 29.10
C LYS B 241 14.49 -5.78 27.71
N TYR B 242 13.84 -6.30 26.67
CA TYR B 242 14.16 -5.95 25.30
C TYR B 242 13.32 -4.78 24.76
N ASN B 243 12.72 -4.01 25.65
CA ASN B 243 11.93 -2.83 25.28
C ASN B 243 10.76 -3.20 24.37
N TYR B 244 10.07 -4.29 24.73
CA TYR B 244 8.81 -4.65 24.12
C TYR B 244 7.68 -4.27 25.08
N GLU B 245 6.55 -3.83 24.53
CA GLU B 245 5.40 -3.53 25.35
C GLU B 245 4.93 -4.78 26.10
N PRO B 246 4.28 -4.60 27.24
CA PRO B 246 3.72 -5.76 27.95
C PRO B 246 2.64 -6.44 27.13
N LEU B 247 2.47 -7.74 27.35
CA LEU B 247 1.42 -8.52 26.71
C LEU B 247 0.35 -8.81 27.76
N THR B 248 -0.84 -8.23 27.57
CA THR B 248 -1.93 -8.43 28.49
C THR B 248 -2.71 -9.68 28.14
N GLN B 249 -3.54 -10.14 29.09
CA GLN B 249 -4.44 -11.25 28.83
C GLN B 249 -5.44 -10.90 27.73
N ASP B 250 -5.81 -9.62 27.64
CA ASP B 250 -6.63 -9.16 26.52
C ASP B 250 -5.91 -9.39 25.20
N HIS B 251 -4.61 -9.09 25.14
CA HIS B 251 -3.83 -9.39 23.95
C HIS B 251 -3.83 -10.89 23.65
N VAL B 252 -3.66 -11.71 24.69
CA VAL B 252 -3.66 -13.16 24.51
C VAL B 252 -5.00 -13.62 23.93
N ASP B 253 -6.11 -13.07 24.45
CA ASP B 253 -7.42 -13.45 23.93
C ASP B 253 -7.59 -13.03 22.48
N ILE B 254 -7.07 -11.85 22.12
CA ILE B 254 -7.23 -11.34 20.77
C ILE B 254 -6.52 -12.23 19.76
N LEU B 255 -5.39 -12.82 20.16
CA LEU B 255 -4.66 -13.73 19.29
C LEU B 255 -5.30 -15.11 19.21
N GLY B 256 -6.39 -15.34 19.95
CA GLY B 256 -7.06 -16.61 19.99
C GLY B 256 -7.39 -17.20 18.63
N PRO B 257 -8.14 -16.47 17.80
CA PRO B 257 -8.42 -16.95 16.44
C PRO B 257 -7.17 -17.34 15.67
N LEU B 258 -6.10 -16.55 15.78
CA LEU B 258 -4.84 -16.93 15.13
C LEU B 258 -4.25 -18.17 15.78
N SER B 259 -4.33 -18.27 17.11
CA SER B 259 -3.85 -19.46 17.80
C SER B 259 -4.67 -20.68 17.43
N ALA B 260 -5.99 -20.54 17.34
CA ALA B 260 -6.84 -21.67 17.02
C ALA B 260 -6.76 -22.02 15.53
N GLN B 261 -6.60 -21.01 14.68
CA GLN B 261 -6.51 -21.28 13.24
C GLN B 261 -5.29 -22.13 12.93
N THR B 262 -4.16 -21.81 13.55
CA THR B 262 -2.99 -22.66 13.50
C THR B 262 -3.06 -23.63 14.68
N GLY B 263 -1.96 -24.31 14.99
CA GLY B 263 -1.99 -25.26 16.09
C GLY B 263 -1.18 -24.84 17.30
N ILE B 264 -0.87 -23.55 17.40
CA ILE B 264 0.12 -23.06 18.37
C ILE B 264 -0.58 -22.17 19.39
N ALA B 265 -0.50 -22.56 20.66
CA ALA B 265 -1.02 -21.71 21.72
C ALA B 265 -0.24 -20.40 21.78
N VAL B 266 -0.87 -19.36 22.33
CA VAL B 266 -0.25 -18.05 22.39
C VAL B 266 1.05 -18.12 23.19
N LEU B 267 1.01 -18.75 24.36
CA LEU B 267 2.20 -18.82 25.20
C LEU B 267 3.30 -19.66 24.56
N ASP B 268 2.92 -20.59 23.67
CA ASP B 268 3.92 -21.29 22.88
C ASP B 268 4.63 -20.34 21.93
N MET B 269 3.87 -19.47 21.26
CA MET B 269 4.48 -18.49 20.37
C MET B 269 5.30 -17.47 21.16
N CYS B 270 4.88 -17.14 22.38
CA CYS B 270 5.65 -16.24 23.23
C CYS B 270 7.03 -16.83 23.53
N ALA B 271 7.10 -18.15 23.76
CA ALA B 271 8.39 -18.80 23.98
C ALA B 271 9.26 -18.70 22.73
N SER B 272 8.66 -18.83 21.56
CA SER B 272 9.42 -18.69 20.32
C SER B 272 9.92 -17.27 20.14
N LEU B 273 9.09 -16.26 20.44
CA LEU B 273 9.54 -14.88 20.36
C LEU B 273 10.62 -14.59 21.39
N LYS B 274 10.47 -15.13 22.60
CA LYS B 274 11.51 -14.97 23.62
C LYS B 274 12.85 -15.52 23.13
N GLU B 275 12.83 -16.69 22.47
CA GLU B 275 14.06 -17.25 21.94
C GLU B 275 14.65 -16.36 20.84
N LEU B 276 13.79 -15.85 19.95
CA LEU B 276 14.26 -14.94 18.90
C LEU B 276 14.92 -13.71 19.49
N LEU B 277 14.32 -13.15 20.56
CA LEU B 277 14.88 -11.95 21.16
C LEU B 277 16.21 -12.23 21.86
N GLN B 278 16.42 -13.45 22.34
CA GLN B 278 17.64 -13.77 23.07
C GLN B 278 18.76 -14.26 22.16
N ASN B 279 18.43 -14.83 21.01
CA ASN B 279 19.42 -15.33 20.06
C ASN B 279 19.59 -14.42 18.84
N GLY B 280 18.51 -13.86 18.33
CA GLY B 280 18.51 -13.20 17.04
C GLY B 280 17.97 -14.12 15.97
N MET B 281 17.96 -13.61 14.74
CA MET B 281 17.47 -14.37 13.59
C MET B 281 18.59 -15.04 12.83
N ASN B 282 19.83 -14.98 13.33
CA ASN B 282 21.02 -15.62 12.77
C ASN B 282 21.07 -15.56 11.25
N GLY B 283 20.75 -14.40 10.69
CA GLY B 283 20.81 -14.24 9.25
C GLY B 283 19.68 -14.88 8.47
N ARG B 284 18.66 -15.41 9.15
CA ARG B 284 17.48 -15.91 8.48
C ARG B 284 16.49 -14.78 8.25
N THR B 285 15.40 -15.10 7.56
CA THR B 285 14.32 -14.17 7.32
C THR B 285 13.00 -14.78 7.78
N ILE B 286 12.06 -13.91 8.15
CA ILE B 286 10.69 -14.30 8.45
C ILE B 286 9.77 -13.48 7.57
N LEU B 287 8.98 -14.15 6.74
CA LEU B 287 8.12 -13.50 5.76
C LEU B 287 8.91 -12.52 4.90
N GLY B 288 10.16 -12.88 4.61
CA GLY B 288 11.05 -12.07 3.81
C GLY B 288 11.82 -11.01 4.58
N SER B 289 11.39 -10.68 5.79
CA SER B 289 12.00 -9.62 6.56
C SER B 289 13.15 -10.13 7.42
N ALA B 290 14.17 -9.29 7.58
CA ALA B 290 15.29 -9.58 8.46
C ALA B 290 15.07 -9.07 9.88
N LEU B 291 13.92 -8.45 10.15
CA LEU B 291 13.60 -7.93 11.47
C LEU B 291 12.19 -8.34 11.85
N LEU B 292 11.91 -8.28 13.15
CA LEU B 292 10.58 -8.59 13.67
C LEU B 292 9.65 -7.41 13.40
N GLU B 293 8.63 -7.64 12.58
CA GLU B 293 7.68 -6.61 12.20
C GLU B 293 6.60 -6.45 13.26
N ASP B 294 6.27 -5.20 13.59
CA ASP B 294 5.30 -4.93 14.64
C ASP B 294 4.18 -3.99 14.19
N GLU B 295 4.02 -3.79 12.88
CA GLU B 295 2.97 -2.91 12.37
C GLU B 295 1.85 -3.68 11.69
N PHE B 296 1.66 -4.95 12.05
CA PHE B 296 0.48 -5.73 11.67
C PHE B 296 -0.29 -6.06 12.94
N THR B 297 -1.53 -5.59 13.02
CA THR B 297 -2.35 -5.97 14.16
C THR B 297 -2.90 -7.39 13.96
N PRO B 298 -3.37 -8.02 15.03
CA PRO B 298 -4.06 -9.31 14.85
C PRO B 298 -5.24 -9.22 13.90
N PHE B 299 -5.96 -8.11 13.91
CA PHE B 299 -7.06 -7.92 12.97
C PHE B 299 -6.54 -7.83 11.54
N ASP B 300 -5.41 -7.13 11.33
CA ASP B 300 -4.83 -7.06 10.00
C ASP B 300 -4.44 -8.44 9.48
N VAL B 301 -4.02 -9.33 10.38
CA VAL B 301 -3.56 -10.65 9.96
C VAL B 301 -4.75 -11.53 9.57
N VAL B 302 -5.84 -11.48 10.35
CA VAL B 302 -6.97 -12.37 10.08
C VAL B 302 -7.66 -12.00 8.78
N ARG B 303 -7.59 -10.72 8.37
CA ARG B 303 -8.29 -10.31 7.16
C ARG B 303 -7.56 -10.76 5.90
N GLN B 304 -6.24 -10.69 5.90
CA GLN B 304 -5.43 -11.08 4.75
C GLN B 304 -5.06 -12.55 4.78
N CYS B 305 -5.25 -13.22 5.90
CA CYS B 305 -5.07 -14.68 6.02
C CYS B 305 -6.47 -15.28 6.15
N SER B 306 -7.10 -15.54 4.99
CA SER B 306 -8.42 -16.15 4.91
C SER B 306 -9.47 -15.31 5.65
N GLY B 307 -9.74 -14.14 5.06
CA GLY B 307 -10.76 -13.24 5.57
C GLY B 307 -11.71 -12.78 4.48
N VAL B 308 -11.16 -12.40 3.33
CA VAL B 308 -11.90 -12.12 2.11
C VAL B 308 -12.94 -11.02 2.33
N THR B 309 -12.53 -9.93 2.97
CA THR B 309 -13.45 -8.83 3.25
C THR B 309 -13.01 -7.56 2.53
CT PIV C 1 12.38 19.30 10.01
C1 PIV C 1 13.62 20.02 9.40
C2 PIV C 1 11.67 18.49 8.90
C3 PIV C 1 12.83 18.34 11.14
C PIV C 1 11.39 20.36 10.60
O1 PIV C 1 11.61 21.52 10.46
CA A1EAK C 2 9.27 20.95 11.85
CB A1EAK C 2 9.33 20.95 13.39
C12 A1EAK C 2 10.87 20.53 13.88
C13 A1EAK C 2 10.75 19.63 14.92
C14 A1EAK C 2 9.18 19.44 15.21
C15 A1EAK C 2 8.45 20.03 13.92
C A1EAK C 2 7.84 20.71 11.36
N A1EAK C 2 10.17 19.93 11.33
O A1EAK C 2 7.48 19.62 11.06
CA A1L7N C 3 5.52 21.57 10.81
CM A1L7N C 3 7.31 23.22 11.64
C A1L7N C 3 5.63 21.45 9.28
CB A1L7N C 3 4.53 22.67 11.17
CG A1L7N C 3 4.07 22.57 12.65
CD A1L7N C 3 2.63 22.04 12.79
N A1L7N C 3 6.88 21.85 11.28
O A1L7N C 3 6.38 22.15 8.67
CA A1L7K C 4 5.05 20.50 7.09
CB A1L7K C 4 4.98 19.07 6.54
C A1L7K C 4 4.05 21.57 6.60
CG A1L7K C 4 6.37 18.40 7.00
CD1 A1L7K C 4 7.41 19.24 6.49
CE1 A1L7K C 4 8.69 18.62 6.38
CF A1L7K C 4 8.67 17.39 5.47
CD2 A1L7K C 4 6.42 16.88 6.64
N A1L7K C 4 4.82 20.47 8.54
NE2 A1L7K C 4 7.63 16.31 5.83
OD2 A1L7K C 4 5.54 16.15 7.00
O A1L7K C 4 3.08 21.89 7.58
CT PIV D 1 -4.25 -24.08 -5.52
C1 PIV D 1 -4.75 -25.32 -4.71
C2 PIV D 1 -4.71 -22.78 -4.81
C3 PIV D 1 -2.71 -24.12 -5.61
C PIV D 1 -4.89 -24.13 -6.96
O1 PIV D 1 -5.60 -25.03 -7.27
CA A1EAK D 2 -5.26 -23.28 -9.25
CB A1EAK D 2 -4.32 -23.95 -10.28
C12 A1EAK D 2 -2.80 -24.28 -9.65
C13 A1EAK D 2 -2.08 -24.65 -10.76
C14 A1EAK D 2 -2.74 -23.84 -11.98
C15 A1EAK D 2 -4.08 -23.18 -11.38
C A1EAK D 2 -5.84 -21.93 -9.72
N A1EAK D 2 -4.59 -23.09 -7.96
O A1EAK D 2 -5.32 -20.90 -9.47
CA A1L7N D 3 -7.65 -20.64 -10.89
CM A1L7N D 3 -7.82 -23.19 -10.80
C A1L7N D 3 -8.56 -20.09 -9.79
CB A1L7N D 3 -8.42 -20.79 -12.19
CG A1L7N D 3 -7.43 -20.77 -13.38
CD A1L7N D 3 -8.14 -20.26 -14.64
N A1L7N D 3 -7.12 -21.94 -10.48
O A1L7N D 3 -9.34 -20.81 -9.22
CA A1L7K D 4 -9.31 -18.08 -8.42
CB A1L7K D 4 -8.43 -17.20 -7.50
C A1L7K D 4 -10.37 -17.28 -9.16
CG A1L7K D 4 -7.21 -18.07 -6.90
CD1 A1L7K D 4 -7.73 -19.30 -6.42
CE1 A1L7K D 4 -8.18 -19.24 -5.06
CF A1L7K D 4 -7.02 -18.97 -4.12
CD2 A1L7K D 4 -6.44 -17.16 -5.87
N A1L7K D 4 -8.46 -18.65 -9.44
NE2 A1L7K D 4 -6.32 -17.61 -4.38
OD2 A1L7K D 4 -5.95 -16.14 -6.23
O A1L7K D 4 -10.83 -17.91 -10.33
C1 A1L7M E . 3.88 23.44 2.17
C5 A1L7M E . 3.42 21.48 5.19
C2 A1L7M E . 2.81 23.07 3.19
O A1L7M E . 3.03 20.47 4.71
N A1L7M E . 3.34 22.80 4.52
C A1L7M E . 3.00 24.53 2.77
C1 A1L7M F . -14.49 -17.90 -6.65
C5 A1L7M F . -11.54 -16.79 -8.28
C2 A1L7M F . -14.06 -16.93 -7.76
O A1L7M F . -11.35 -15.99 -7.42
N A1L7M F . -12.88 -17.34 -8.55
C A1L7M F . -15.29 -17.81 -7.96
#